data_5UD9
#
_entry.id   5UD9
#
_cell.length_a   46.124
_cell.length_b   71.035
_cell.length_c   69.543
_cell.angle_alpha   90.000
_cell.angle_beta   98.480
_cell.angle_gamma   90.000
#
_symmetry.space_group_name_H-M   'P 1 21 1'
#
loop_
_entity.id
_entity.type
_entity.pdbx_description
1 polymer 'Fab heavy chain'
2 polymer 'Light chain'
3 water water
#
loop_
_entity_poly.entity_id
_entity_poly.type
_entity_poly.pdbx_seq_one_letter_code
_entity_poly.pdbx_strand_id
1 'polypeptide(L)'
;QVQLRESGPGLVKPSETLSLSCTVSQDSRPSDHSWTWVRQSPGKALEWIGDIHYNGATTYNPSLRSRVRIELDQSIPRFS
LKMTSMTAADTGMYYCARNAIRIYGVVALGEWFHYGMDVWGQGTAVTVSSASTKGPSVFPLAPSSKSTSGGTAALGCLVK
DYFPEPVTVSWNSGALTSGVHTFPAVLQSSGLYSLSSVVTVPSSSLGTQTYICNVNHKPSNTKVDKRVEPKSCDKHHHHH
H
;
H
2 'polypeptide(L)'
;WASSELTQPPSVSVSPGQTARITCSGAPLTSRFTYWYRQKPGQAPVLIISRSSQRSSGWSGRFSASWSGTTVTLTIRGVQ
ADDEADYYCQSSDTSDSYKMFGGGTKLTVLGQPAAAPSVTLFPPSSEELQANKATLVCLISDFYPGAVTVAWKADSSPVK
AGVETTTPSKQSNNKYAASSYLSLTPEQWKSHKSYSCQVTHEGSTVEKTVAPTEC
;
L
#
# COMPACT_ATOMS: atom_id res chain seq x y z
N VAL A 2 7.29 8.09 -18.42
CA VAL A 2 6.06 7.32 -18.68
C VAL A 2 5.34 7.14 -17.37
N GLN A 3 4.03 7.43 -17.38
CA GLN A 3 3.21 7.27 -16.20
C GLN A 3 1.92 6.53 -16.55
N LEU A 4 1.51 5.63 -15.66
CA LEU A 4 0.24 4.90 -15.76
C LEU A 4 -0.60 5.26 -14.56
N ARG A 5 -1.88 5.53 -14.77
CA ARG A 5 -2.79 5.92 -13.70
C ARG A 5 -4.08 5.12 -13.80
N GLU A 6 -4.34 4.29 -12.79
CA GLU A 6 -5.59 3.56 -12.71
C GLU A 6 -6.74 4.44 -12.21
N SER A 7 -7.93 4.11 -12.69
CA SER A 7 -9.16 4.61 -12.11
C SER A 7 -10.11 3.44 -11.95
N GLY A 8 -10.77 3.39 -10.80
CA GLY A 8 -11.72 2.35 -10.50
C GLY A 8 -12.77 2.84 -9.54
N PRO A 9 -13.77 2.00 -9.27
CA PRO A 9 -14.92 2.41 -8.46
C PRO A 9 -14.73 2.29 -6.95
N GLY A 10 -13.67 1.63 -6.53
CA GLY A 10 -13.44 1.35 -5.11
C GLY A 10 -14.22 0.17 -4.59
N LEU A 11 -15.52 0.16 -4.85
CA LEU A 11 -16.45 -0.84 -4.37
C LEU A 11 -17.23 -1.41 -5.55
N VAL A 12 -17.39 -2.73 -5.53
CA VAL A 12 -18.27 -3.46 -6.45
C VAL A 12 -19.19 -4.34 -5.63
N LYS A 13 -20.46 -4.39 -6.01
CA LYS A 13 -21.42 -5.25 -5.35
C LYS A 13 -21.20 -6.70 -5.78
N PRO A 14 -21.42 -7.65 -4.89
CA PRO A 14 -21.25 -9.06 -5.28
C PRO A 14 -22.14 -9.39 -6.47
N SER A 15 -21.58 -10.13 -7.41
CA SER A 15 -22.20 -10.60 -8.65
C SER A 15 -22.12 -9.56 -9.77
N GLU A 16 -21.77 -8.32 -9.46
CA GLU A 16 -21.72 -7.27 -10.46
C GLU A 16 -20.35 -7.23 -11.12
N THR A 17 -20.20 -6.36 -12.11
CA THR A 17 -19.03 -6.29 -12.97
C THR A 17 -18.10 -5.17 -12.54
N LEU A 18 -16.84 -5.49 -12.33
CA LEU A 18 -15.81 -4.50 -12.10
C LEU A 18 -15.42 -3.86 -13.43
N SER A 19 -15.28 -2.52 -13.43
CA SER A 19 -14.76 -1.80 -14.58
C SER A 19 -13.66 -0.85 -14.11
N LEU A 20 -12.45 -1.06 -14.61
CA LEU A 20 -11.28 -0.24 -14.32
C LEU A 20 -10.73 0.34 -15.60
N SER A 21 -10.00 1.45 -15.50
CA SER A 21 -9.23 1.95 -16.64
C SER A 21 -7.85 2.35 -16.19
N CYS A 22 -6.96 2.50 -17.16
CA CYS A 22 -5.59 2.93 -16.95
C CYS A 22 -5.27 3.91 -18.05
N THR A 23 -4.91 5.14 -17.69
CA THR A 23 -4.51 6.16 -18.63
C THR A 23 -2.99 6.20 -18.70
N VAL A 24 -2.47 6.17 -19.92
CA VAL A 24 -1.03 6.15 -20.18
C VAL A 24 -0.63 7.55 -20.61
N SER A 25 0.41 8.09 -19.99
CA SER A 25 0.92 9.38 -20.37
C SER A 25 2.42 9.32 -20.58
N GLN A 26 2.90 10.12 -21.54
CA GLN A 26 4.32 10.29 -21.82
C GLN A 26 4.98 9.06 -22.41
N ASP A 27 4.23 8.14 -23.00
CA ASP A 27 4.81 7.04 -23.76
C ASP A 27 4.82 7.45 -25.22
N SER A 28 5.98 7.43 -25.84
CA SER A 28 6.08 7.87 -27.22
C SER A 28 6.11 6.72 -28.22
N ARG A 29 6.03 5.48 -27.76
CA ARG A 29 5.88 4.36 -28.68
C ARG A 29 4.86 3.38 -28.11
N PRO A 30 3.67 3.85 -27.73
CA PRO A 30 2.75 2.96 -27.01
C PRO A 30 2.34 1.75 -27.83
N SER A 31 2.29 1.86 -29.16
CA SER A 31 1.81 0.72 -29.94
C SER A 31 2.75 -0.47 -29.91
N ASP A 32 3.97 -0.32 -29.40
CA ASP A 32 4.92 -1.43 -29.35
C ASP A 32 4.60 -2.43 -28.23
N HIS A 33 3.89 -2.02 -27.19
CA HIS A 33 3.94 -2.71 -25.90
C HIS A 33 2.68 -3.49 -25.59
N SER A 34 2.77 -4.35 -24.57
CA SER A 34 1.66 -5.16 -24.10
C SER A 34 1.09 -4.51 -22.82
N TRP A 35 -0.12 -4.00 -22.91
CA TRP A 35 -0.74 -3.22 -21.84
C TRP A 35 -1.47 -4.21 -20.94
N THR A 36 -1.07 -4.26 -19.67
CA THR A 36 -1.30 -5.41 -18.80
C THR A 36 -2.08 -5.01 -17.54
N TRP A 37 -2.91 -5.97 -17.07
CA TRP A 37 -3.52 -5.93 -15.75
C TRP A 37 -3.03 -7.07 -14.87
N VAL A 38 -2.76 -6.73 -13.61
CA VAL A 38 -2.29 -7.64 -12.58
C VAL A 38 -3.09 -7.33 -11.33
N ARG A 39 -3.32 -8.31 -10.49
CA ARG A 39 -3.96 -8.01 -9.20
C ARG A 39 -3.24 -8.73 -8.07
N GLN A 40 -3.59 -8.36 -6.84
CA GLN A 40 -2.94 -8.94 -5.67
C GLN A 40 -3.97 -8.94 -4.54
N SER A 41 -4.39 -10.12 -4.11
CA SER A 41 -5.22 -10.23 -2.92
C SER A 41 -4.38 -9.89 -1.70
N PRO A 42 -5.01 -9.45 -0.61
CA PRO A 42 -4.23 -8.98 0.54
C PRO A 42 -3.31 -10.06 1.08
N GLY A 43 -2.03 -9.74 1.17
CA GLY A 43 -1.02 -10.65 1.67
C GLY A 43 -0.64 -11.77 0.72
N LYS A 44 -1.10 -11.73 -0.52
CA LYS A 44 -0.88 -12.83 -1.45
C LYS A 44 -0.02 -12.38 -2.63
N ALA A 45 0.23 -13.32 -3.55
CA ALA A 45 1.14 -13.08 -4.66
C ALA A 45 0.47 -12.27 -5.75
N LEU A 46 1.30 -11.61 -6.54
CA LEU A 46 0.80 -11.01 -7.78
C LEU A 46 0.19 -12.07 -8.69
N GLU A 47 -0.88 -11.69 -9.37
CA GLU A 47 -1.57 -12.58 -10.31
C GLU A 47 -1.79 -11.83 -11.61
N TRP A 48 -1.27 -12.39 -12.69
CA TRP A 48 -1.45 -11.77 -14.01
C TRP A 48 -2.86 -12.03 -14.49
N ILE A 49 -3.53 -10.99 -14.99
CA ILE A 49 -4.90 -11.10 -15.47
C ILE A 49 -4.94 -11.23 -16.99
N GLY A 50 -4.24 -10.33 -17.69
CA GLY A 50 -4.22 -10.38 -19.13
C GLY A 50 -3.51 -9.16 -19.70
N ASP A 51 -3.43 -9.14 -21.02
CA ASP A 51 -2.87 -7.99 -21.71
C ASP A 51 -3.52 -7.78 -23.07
N ILE A 52 -3.20 -6.62 -23.63
CA ILE A 52 -3.71 -6.21 -24.94
C ILE A 52 -2.61 -5.47 -25.70
N HIS A 53 -2.61 -5.65 -27.01
CA HIS A 53 -1.76 -4.93 -27.94
C HIS A 53 -2.61 -4.00 -28.80
N TYR A 54 -1.96 -2.95 -29.35
CA TYR A 54 -2.65 -2.00 -30.24
C TYR A 54 -3.34 -2.69 -31.40
N ASN A 55 -2.80 -3.79 -31.91
CA ASN A 55 -3.60 -4.50 -32.92
C ASN A 55 -4.90 -5.10 -32.36
N GLY A 56 -5.16 -4.97 -31.05
CA GLY A 56 -6.36 -5.49 -30.45
C GLY A 56 -6.26 -6.91 -29.91
N ALA A 57 -5.15 -7.60 -30.19
CA ALA A 57 -4.92 -8.96 -29.70
C ALA A 57 -4.78 -9.02 -28.19
N THR A 58 -5.55 -9.90 -27.56
CA THR A 58 -5.58 -10.02 -26.12
C THR A 58 -5.12 -11.42 -25.74
N THR A 59 -4.53 -11.52 -24.55
CA THR A 59 -4.36 -12.81 -23.89
C THR A 59 -4.75 -12.69 -22.44
N TYR A 60 -5.25 -13.80 -21.89
CA TYR A 60 -5.85 -13.79 -20.56
C TYR A 60 -5.40 -14.97 -19.71
N ASN A 61 -5.42 -14.76 -18.42
CA ASN A 61 -5.17 -15.84 -17.48
C ASN A 61 -6.24 -16.92 -17.68
N PRO A 62 -5.86 -18.18 -17.88
CA PRO A 62 -6.87 -19.18 -18.22
C PRO A 62 -7.91 -19.37 -17.15
N SER A 63 -7.57 -19.15 -15.89
CA SER A 63 -8.53 -19.33 -14.81
C SER A 63 -9.52 -18.18 -14.72
N LEU A 64 -9.23 -17.05 -15.36
CA LEU A 64 -10.10 -15.88 -15.35
C LEU A 64 -10.73 -15.56 -16.70
N ARG A 65 -10.32 -16.27 -17.77
CA ARG A 65 -10.67 -15.88 -19.12
C ARG A 65 -12.17 -15.68 -19.31
N SER A 66 -13.00 -16.56 -18.75
CA SER A 66 -14.44 -16.49 -19.00
C SER A 66 -15.09 -15.28 -18.35
N ARG A 67 -14.38 -14.58 -17.48
CA ARG A 67 -14.92 -13.47 -16.73
C ARG A 67 -14.32 -12.13 -17.11
N VAL A 68 -13.26 -12.08 -17.93
CA VAL A 68 -12.55 -10.82 -18.11
C VAL A 68 -12.52 -10.38 -19.56
N ARG A 69 -12.42 -9.07 -19.74
CA ARG A 69 -12.20 -8.49 -21.06
C ARG A 69 -11.35 -7.24 -20.87
N ILE A 70 -10.35 -7.10 -21.73
CA ILE A 70 -9.51 -5.90 -21.76
C ILE A 70 -9.77 -5.20 -23.08
N GLU A 71 -9.87 -3.87 -23.04
CA GLU A 71 -10.12 -3.05 -24.22
C GLU A 71 -9.14 -1.88 -24.22
N LEU A 72 -8.95 -1.28 -25.40
CA LEU A 72 -7.97 -0.23 -25.57
C LEU A 72 -8.52 0.88 -26.45
N ASP A 73 -8.45 2.10 -25.95
CA ASP A 73 -8.85 3.32 -26.66
C ASP A 73 -7.54 4.02 -27.01
N GLN A 74 -7.13 3.89 -28.27
CA GLN A 74 -5.84 4.45 -28.66
C GLN A 74 -5.83 5.98 -28.70
N SER A 75 -6.99 6.63 -28.60
CA SER A 75 -6.97 8.09 -28.77
C SER A 75 -6.44 8.80 -27.53
N ILE A 76 -6.41 8.13 -26.38
CA ILE A 76 -6.03 8.80 -25.15
C ILE A 76 -4.53 8.74 -24.88
N PRO A 77 -3.90 7.56 -24.81
CA PRO A 77 -4.48 6.21 -24.80
C PRO A 77 -4.83 5.75 -23.41
N ARG A 78 -5.80 4.86 -23.37
CA ARG A 78 -6.33 4.35 -22.11
C ARG A 78 -6.81 2.95 -22.36
N PHE A 79 -6.56 2.04 -21.43
CA PHE A 79 -7.04 0.68 -21.58
C PHE A 79 -7.81 0.27 -20.34
N SER A 80 -8.64 -0.75 -20.47
CA SER A 80 -9.64 -1.04 -19.47
C SER A 80 -9.64 -2.52 -19.14
N LEU A 81 -10.19 -2.81 -17.97
CA LEU A 81 -10.47 -4.17 -17.54
C LEU A 81 -11.92 -4.25 -17.08
N LYS A 82 -12.63 -5.25 -17.56
CA LYS A 82 -13.91 -5.63 -16.96
C LYS A 82 -13.82 -7.05 -16.45
N MET A 83 -14.43 -7.29 -15.30
CA MET A 83 -14.42 -8.61 -14.68
C MET A 83 -15.79 -8.88 -14.11
N THR A 84 -16.48 -9.89 -14.64
CA THR A 84 -17.84 -10.15 -14.24
C THR A 84 -17.90 -10.98 -12.98
N SER A 85 -19.10 -11.04 -12.40
CA SER A 85 -19.41 -11.95 -11.31
C SER A 85 -18.45 -11.79 -10.13
N MET A 86 -18.26 -10.55 -9.72
CA MET A 86 -17.31 -10.28 -8.64
C MET A 86 -17.78 -10.88 -7.33
N THR A 87 -16.81 -11.38 -6.55
CA THR A 87 -17.07 -11.81 -5.18
C THR A 87 -15.90 -11.37 -4.31
N ALA A 88 -16.04 -11.63 -3.00
CA ALA A 88 -14.96 -11.29 -2.08
C ALA A 88 -13.65 -11.95 -2.46
N ALA A 89 -13.69 -13.05 -3.22
CA ALA A 89 -12.45 -13.67 -3.67
C ALA A 89 -11.65 -12.74 -4.55
N ASP A 90 -12.29 -11.74 -5.16
CA ASP A 90 -11.67 -10.81 -6.09
C ASP A 90 -11.23 -9.51 -5.42
N THR A 91 -11.48 -9.32 -4.13
CA THR A 91 -11.03 -8.12 -3.43
C THR A 91 -9.51 -8.06 -3.45
N GLY A 92 -8.97 -6.88 -3.71
CA GLY A 92 -7.53 -6.72 -3.68
C GLY A 92 -7.09 -5.46 -4.41
N MET A 93 -5.79 -5.37 -4.65
CA MET A 93 -5.22 -4.26 -5.38
C MET A 93 -5.09 -4.65 -6.84
N TYR A 94 -5.56 -3.78 -7.74
CA TYR A 94 -5.49 -4.02 -9.18
C TYR A 94 -4.53 -3.01 -9.77
N TYR A 95 -3.51 -3.51 -10.44
CA TYR A 95 -2.47 -2.71 -11.05
C TYR A 95 -2.55 -2.79 -12.57
N CYS A 96 -2.35 -1.66 -13.23
CA CYS A 96 -2.00 -1.71 -14.65
C CYS A 96 -0.48 -1.59 -14.79
N ALA A 97 0.04 -2.13 -15.88
CA ALA A 97 1.46 -2.11 -16.12
C ALA A 97 1.74 -2.14 -17.61
N ARG A 98 2.88 -1.62 -17.99
CA ARG A 98 3.40 -1.71 -19.33
C ARG A 98 4.35 -2.89 -19.37
N ASN A 99 4.00 -3.93 -20.13
CA ASN A 99 4.92 -5.03 -20.41
C ASN A 99 5.62 -4.63 -21.70
N ALA A 100 6.71 -3.90 -21.56
CA ALA A 100 7.38 -3.28 -22.69
C ALA A 100 7.97 -4.34 -23.62
N ILE A 101 7.97 -4.03 -24.91
CA ILE A 101 8.50 -4.90 -25.95
C ILE A 101 9.62 -4.20 -26.70
N ARG A 102 10.66 -4.95 -27.02
CA ARG A 102 11.70 -4.53 -27.94
C ARG A 102 11.61 -5.37 -29.21
N ILE A 103 11.74 -4.71 -30.36
CA ILE A 103 11.61 -5.36 -31.66
C ILE A 103 12.96 -5.30 -32.33
N TYR A 104 13.50 -6.46 -32.70
CA TYR A 104 14.78 -6.51 -33.38
C TYR A 104 14.69 -6.97 -34.82
N GLY A 105 13.58 -7.55 -35.26
CA GLY A 105 13.46 -8.02 -36.64
C GLY A 105 12.04 -7.97 -37.14
N VAL A 106 11.66 -9.00 -37.89
CA VAL A 106 10.35 -9.08 -38.52
C VAL A 106 9.35 -9.53 -37.47
N VAL A 107 8.32 -8.71 -37.24
CA VAL A 107 7.37 -9.02 -36.18
C VAL A 107 6.64 -10.33 -36.47
N ALA A 108 6.25 -10.54 -37.73
CA ALA A 108 5.51 -11.74 -38.09
C ALA A 108 6.32 -13.02 -37.92
N LEU A 109 7.65 -12.93 -37.87
CA LEU A 109 8.52 -14.06 -37.57
C LEU A 109 8.87 -14.14 -36.09
N GLY A 110 8.19 -13.37 -35.26
CA GLY A 110 8.42 -13.40 -33.83
C GLY A 110 9.72 -12.79 -33.39
N GLU A 111 10.29 -11.87 -34.16
CA GLU A 111 11.58 -11.27 -33.84
C GLU A 111 11.40 -10.03 -32.97
N TRP A 112 10.89 -10.31 -31.78
CA TRP A 112 10.65 -9.31 -30.75
C TRP A 112 10.62 -10.06 -29.43
N PHE A 113 10.73 -9.32 -28.32
CA PHE A 113 10.64 -9.95 -27.02
C PHE A 113 10.16 -8.93 -26.01
N HIS A 114 9.57 -9.42 -24.92
CA HIS A 114 9.26 -8.55 -23.80
C HIS A 114 10.52 -8.16 -23.05
N TYR A 115 10.66 -6.85 -22.81
CA TYR A 115 11.68 -6.33 -21.92
C TYR A 115 11.33 -6.59 -20.46
N GLY A 116 10.05 -6.53 -20.12
CA GLY A 116 9.60 -6.68 -18.75
C GLY A 116 8.51 -5.66 -18.47
N MET A 117 7.79 -5.89 -17.37
CA MET A 117 6.77 -4.95 -16.89
C MET A 117 7.49 -3.83 -16.16
N ASP A 118 7.86 -2.81 -16.92
CA ASP A 118 8.80 -1.80 -16.44
C ASP A 118 8.14 -0.58 -15.85
N VAL A 119 6.89 -0.29 -16.20
CA VAL A 119 6.17 0.86 -15.64
C VAL A 119 4.87 0.33 -15.06
N TRP A 120 4.59 0.69 -13.82
CA TRP A 120 3.42 0.22 -13.11
C TRP A 120 2.61 1.41 -12.63
N GLY A 121 1.30 1.28 -12.62
CA GLY A 121 0.47 2.21 -11.90
C GLY A 121 0.65 2.04 -10.41
N GLN A 122 0.06 2.97 -9.66
CA GLN A 122 0.12 2.87 -8.21
C GLN A 122 -0.87 1.85 -7.64
N GLY A 123 -1.79 1.35 -8.44
CA GLY A 123 -2.77 0.38 -8.01
C GLY A 123 -4.07 1.06 -7.62
N THR A 124 -5.19 0.37 -7.86
CA THR A 124 -6.49 0.80 -7.37
C THR A 124 -7.06 -0.33 -6.52
N ALA A 125 -7.53 0.02 -5.31
CA ALA A 125 -8.09 -0.95 -4.39
C ALA A 125 -9.51 -1.25 -4.78
N VAL A 126 -9.85 -2.54 -4.80
CA VAL A 126 -11.18 -3.02 -5.15
C VAL A 126 -11.68 -3.85 -3.98
N THR A 127 -12.83 -3.45 -3.43
CA THR A 127 -13.50 -4.17 -2.36
C THR A 127 -14.85 -4.63 -2.88
N VAL A 128 -15.14 -5.91 -2.74
CA VAL A 128 -16.42 -6.46 -3.13
C VAL A 128 -17.27 -6.63 -1.89
N SER A 129 -18.41 -5.96 -1.86
CA SER A 129 -19.22 -5.92 -0.63
C SER A 129 -20.59 -5.38 -0.99
N SER A 130 -21.59 -5.81 -0.23
CA SER A 130 -22.94 -5.27 -0.36
C SER A 130 -23.14 -3.97 0.40
N ALA A 131 -22.18 -3.58 1.22
CA ALA A 131 -22.32 -2.38 2.05
C ALA A 131 -22.21 -1.13 1.20
N SER A 132 -22.81 -0.05 1.70
CA SER A 132 -22.83 1.21 0.99
C SER A 132 -21.51 1.97 1.16
N THR A 133 -21.12 2.70 0.12
CA THR A 133 -20.01 3.63 0.23
C THR A 133 -20.33 4.72 1.26
N LYS A 134 -19.33 5.11 2.05
CA LYS A 134 -19.46 6.20 2.99
C LYS A 134 -18.20 7.04 3.01
N GLY A 135 -18.35 8.36 2.80
CA GLY A 135 -17.23 9.28 2.88
C GLY A 135 -16.81 9.59 4.30
N PRO A 136 -15.59 10.10 4.47
CA PRO A 136 -15.03 10.31 5.80
C PRO A 136 -15.51 11.59 6.45
N SER A 137 -15.40 11.61 7.78
CA SER A 137 -15.48 12.82 8.57
C SER A 137 -14.10 13.13 9.09
N VAL A 138 -13.64 14.35 8.87
CA VAL A 138 -12.25 14.71 9.12
C VAL A 138 -12.19 15.70 10.27
N PHE A 139 -11.39 15.37 11.27
CA PHE A 139 -11.22 16.19 12.45
C PHE A 139 -9.77 16.60 12.59
N PRO A 140 -9.50 17.80 13.05
CA PRO A 140 -8.12 18.25 13.20
C PRO A 140 -7.50 17.66 14.45
N LEU A 141 -6.22 17.32 14.36
CA LEU A 141 -5.43 16.90 15.52
C LEU A 141 -4.47 18.05 15.79
N ALA A 142 -4.87 18.94 16.68
CA ALA A 142 -4.16 20.19 16.86
C ALA A 142 -2.78 19.96 17.46
N PRO A 143 -1.81 20.81 17.11
CA PRO A 143 -0.47 20.62 17.67
C PRO A 143 -0.46 20.90 19.15
N SER A 144 0.45 20.21 19.85
CA SER A 144 0.68 20.48 21.25
C SER A 144 1.04 21.94 21.44
N SER A 145 0.47 22.55 22.49
CA SER A 145 0.76 23.94 22.80
C SER A 145 2.13 24.10 23.44
N LYS A 146 2.76 22.99 23.82
CA LYS A 146 3.94 23.04 24.66
C LYS A 146 4.30 21.67 25.23
N GLY A 151 12.20 23.88 18.26
CA GLY A 151 11.91 22.46 18.12
C GLY A 151 10.74 22.17 17.19
N THR A 152 10.10 21.03 17.41
CA THR A 152 9.15 20.46 16.47
C THR A 152 7.82 20.21 17.15
N ALA A 153 6.76 20.15 16.36
CA ALA A 153 5.43 19.87 16.86
C ALA A 153 4.76 18.92 15.87
N ALA A 154 3.95 18.00 16.38
CA ALA A 154 3.18 17.10 15.54
C ALA A 154 1.75 17.61 15.50
N LEU A 155 1.19 17.68 14.29
CA LEU A 155 -0.20 18.00 14.10
C LEU A 155 -0.74 17.05 13.04
N GLY A 156 -2.05 16.95 12.92
CA GLY A 156 -2.54 15.98 11.98
C GLY A 156 -4.01 16.11 11.68
N CYS A 157 -4.53 15.09 11.03
CA CYS A 157 -5.94 14.95 10.72
C CYS A 157 -6.35 13.51 11.03
N LEU A 158 -7.48 13.41 11.71
CA LEU A 158 -8.15 12.15 11.98
C LEU A 158 -9.22 11.99 10.93
N VAL A 159 -9.13 10.94 10.16
CA VAL A 159 -10.04 10.67 9.06
C VAL A 159 -10.89 9.49 9.49
N LYS A 160 -12.13 9.78 9.90
CA LYS A 160 -12.99 8.79 10.55
C LYS A 160 -14.06 8.25 9.64
N ASP A 161 -14.34 6.97 9.80
CA ASP A 161 -15.63 6.40 9.46
C ASP A 161 -15.89 6.45 7.95
N TYR A 162 -15.02 5.82 7.16
CA TYR A 162 -15.20 5.75 5.72
C TYR A 162 -15.18 4.30 5.24
N PHE A 163 -15.76 4.10 4.05
CA PHE A 163 -15.73 2.79 3.44
C PHE A 163 -16.00 2.93 1.96
N PRO A 164 -15.29 2.17 1.11
CA PRO A 164 -14.18 1.25 1.34
C PRO A 164 -12.87 2.01 1.37
N GLU A 165 -11.77 1.29 1.49
CA GLU A 165 -10.48 1.89 1.29
C GLU A 165 -10.25 2.29 -0.15
N PRO A 166 -9.32 3.24 -0.40
CA PRO A 166 -8.52 3.93 0.58
C PRO A 166 -8.93 5.38 0.65
N VAL A 167 -8.35 6.07 1.62
CA VAL A 167 -8.24 7.51 1.54
C VAL A 167 -6.78 7.81 1.25
N THR A 168 -6.53 8.86 0.49
CA THR A 168 -5.19 9.41 0.38
C THR A 168 -5.18 10.78 1.04
N VAL A 169 -4.04 11.13 1.62
CA VAL A 169 -3.90 12.39 2.34
C VAL A 169 -2.68 13.10 1.80
N SER A 170 -2.87 14.34 1.37
CA SER A 170 -1.76 15.24 1.11
C SER A 170 -1.86 16.40 2.10
N TRP A 171 -0.83 17.22 2.16
CA TRP A 171 -0.80 18.39 3.02
C TRP A 171 -0.45 19.63 2.18
N ASN A 172 -1.20 20.70 2.39
CA ASN A 172 -1.02 21.94 1.65
C ASN A 172 -0.93 21.68 0.15
N SER A 173 -1.87 20.86 -0.34
CA SER A 173 -2.02 20.57 -1.76
C SER A 173 -0.78 19.94 -2.36
N GLY A 174 -0.01 19.22 -1.56
CA GLY A 174 1.21 18.57 -2.00
C GLY A 174 2.46 19.38 -1.81
N ALA A 175 2.33 20.62 -1.32
CA ALA A 175 3.50 21.45 -1.06
C ALA A 175 4.27 20.99 0.16
N LEU A 176 3.62 20.27 1.07
CA LEU A 176 4.26 19.85 2.30
C LEU A 176 4.37 18.33 2.26
N THR A 177 5.60 17.82 2.23
CA THR A 177 5.83 16.38 2.13
C THR A 177 6.79 15.94 3.23
N SER A 178 7.73 16.81 3.60
CA SER A 178 8.68 16.47 4.64
C SER A 178 7.95 16.31 5.97
N GLY A 179 8.23 15.21 6.67
CA GLY A 179 7.69 15.00 7.99
C GLY A 179 6.29 14.44 8.01
N VAL A 180 5.73 14.07 6.86
CA VAL A 180 4.36 13.54 6.77
C VAL A 180 4.39 12.04 7.00
N HIS A 181 3.52 11.54 7.87
CA HIS A 181 3.35 10.11 8.12
C HIS A 181 1.86 9.83 8.17
N THR A 182 1.34 9.17 7.14
CA THR A 182 -0.04 8.73 7.09
C THR A 182 -0.06 7.26 7.48
N PHE A 183 -0.76 6.95 8.53
CA PHE A 183 -0.78 5.63 9.12
C PHE A 183 -1.80 4.75 8.43
N PRO A 184 -1.54 3.46 8.30
CA PRO A 184 -2.57 2.55 7.81
C PRO A 184 -3.82 2.59 8.68
N ALA A 185 -4.95 2.36 8.02
CA ALA A 185 -6.24 2.45 8.67
C ALA A 185 -6.49 1.30 9.63
N VAL A 186 -7.34 1.58 10.61
CA VAL A 186 -7.95 0.57 11.47
C VAL A 186 -9.32 0.25 10.92
N LEU A 187 -9.72 -1.01 11.02
CA LEU A 187 -11.06 -1.44 10.64
C LEU A 187 -11.88 -1.58 11.91
N GLN A 188 -12.97 -0.82 12.00
CA GLN A 188 -13.84 -0.82 13.17
C GLN A 188 -14.86 -1.97 13.10
N SER A 189 -15.42 -2.28 14.27
CA SER A 189 -16.48 -3.28 14.36
C SER A 189 -17.68 -2.92 13.48
N SER A 190 -17.93 -1.62 13.27
CA SER A 190 -18.98 -1.17 12.35
C SER A 190 -18.69 -1.53 10.90
N GLY A 191 -17.49 -1.91 10.57
CA GLY A 191 -17.10 -2.14 9.20
C GLY A 191 -16.58 -0.93 8.48
N LEU A 192 -16.51 0.22 9.15
CA LEU A 192 -15.88 1.41 8.59
C LEU A 192 -14.41 1.45 8.98
N TYR A 193 -13.63 2.20 8.22
CA TYR A 193 -12.22 2.44 8.49
C TYR A 193 -12.03 3.82 9.06
N SER A 194 -10.93 4.00 9.78
CA SER A 194 -10.43 5.30 10.18
C SER A 194 -8.91 5.27 10.08
N LEU A 195 -8.32 6.42 9.77
CA LEU A 195 -6.86 6.53 9.82
C LEU A 195 -6.50 7.92 10.30
N SER A 196 -5.21 8.11 10.59
CA SER A 196 -4.66 9.41 10.93
C SER A 196 -3.46 9.71 10.06
N SER A 197 -3.32 10.99 9.70
CA SER A 197 -2.13 11.50 9.02
C SER A 197 -1.55 12.60 9.90
N VAL A 198 -0.25 12.51 10.19
CA VAL A 198 0.40 13.47 11.08
C VAL A 198 1.60 14.05 10.33
N VAL A 199 1.89 15.31 10.59
CA VAL A 199 3.07 15.95 10.03
C VAL A 199 3.81 16.61 11.19
N THR A 200 5.13 16.41 11.22
CA THR A 200 5.99 17.06 12.18
C THR A 200 6.56 18.31 11.53
N VAL A 201 6.31 19.45 12.16
CA VAL A 201 6.63 20.76 11.57
C VAL A 201 7.45 21.55 12.58
N PRO A 202 8.15 22.58 12.12
CA PRO A 202 8.82 23.49 13.05
C PRO A 202 7.81 24.24 13.90
N SER A 203 8.05 24.28 15.21
CA SER A 203 7.16 25.01 16.10
C SER A 203 7.03 26.48 15.71
N SER A 204 8.10 27.07 15.19
CA SER A 204 8.05 28.48 14.84
C SER A 204 7.05 28.75 13.73
N SER A 205 6.65 27.73 12.98
CA SER A 205 5.73 27.91 11.87
C SER A 205 4.27 27.85 12.32
N LEU A 206 4.02 27.48 13.57
CA LEU A 206 2.63 27.30 13.99
C LEU A 206 1.87 28.62 14.00
N GLY A 207 2.54 29.73 14.27
CA GLY A 207 1.87 31.00 14.15
C GLY A 207 1.67 31.41 12.69
N THR A 208 2.67 31.15 11.85
CA THR A 208 2.79 31.78 10.53
C THR A 208 2.26 30.93 9.39
N GLN A 209 2.41 29.61 9.44
CA GLN A 209 2.13 28.74 8.30
C GLN A 209 0.76 28.09 8.45
N THR A 210 -0.06 28.14 7.41
CA THR A 210 -1.33 27.44 7.45
C THR A 210 -1.13 26.00 7.00
N TYR A 211 -1.81 25.10 7.71
CA TYR A 211 -1.70 23.67 7.49
C TYR A 211 -3.09 23.12 7.18
N ILE A 212 -3.21 22.49 6.03
CA ILE A 212 -4.48 21.95 5.56
C ILE A 212 -4.19 20.53 5.11
N CYS A 213 -4.96 19.59 5.62
CA CYS A 213 -4.87 18.23 5.10
C CYS A 213 -5.92 18.06 4.02
N ASN A 214 -5.50 17.51 2.89
CA ASN A 214 -6.37 17.24 1.76
C ASN A 214 -6.64 15.74 1.72
N VAL A 215 -7.86 15.37 2.08
CA VAL A 215 -8.26 13.98 2.26
C VAL A 215 -9.14 13.60 1.08
N ASN A 216 -8.67 12.72 0.20
CA ASN A 216 -9.43 12.29 -0.95
C ASN A 216 -9.96 10.88 -0.74
N HIS A 217 -11.26 10.73 -0.92
CA HIS A 217 -11.95 9.44 -0.86
C HIS A 217 -12.65 9.23 -2.20
N LYS A 218 -11.88 8.74 -3.17
CA LYS A 218 -12.44 8.59 -4.51
C LYS A 218 -13.68 7.72 -4.53
N PRO A 219 -13.79 6.65 -3.75
CA PRO A 219 -15.00 5.81 -3.86
C PRO A 219 -16.30 6.55 -3.62
N SER A 220 -16.27 7.60 -2.80
CA SER A 220 -17.47 8.39 -2.51
C SER A 220 -17.44 9.73 -3.23
N ASN A 221 -16.46 9.93 -4.12
CA ASN A 221 -16.32 11.18 -4.86
C ASN A 221 -16.29 12.38 -3.92
N THR A 222 -15.60 12.20 -2.78
CA THR A 222 -15.55 13.24 -1.76
C THR A 222 -14.10 13.58 -1.48
N LYS A 223 -13.80 14.88 -1.39
CA LYS A 223 -12.51 15.35 -0.91
C LYS A 223 -12.78 16.40 0.16
N VAL A 224 -12.06 16.32 1.26
CA VAL A 224 -12.20 17.27 2.36
C VAL A 224 -10.84 17.93 2.58
N ASP A 225 -10.81 19.24 2.59
CA ASP A 225 -9.60 20.01 2.91
C ASP A 225 -9.82 20.63 4.26
N LYS A 226 -9.16 20.10 5.29
CA LYS A 226 -9.38 20.50 6.67
C LYS A 226 -8.21 21.34 7.19
N ARG A 227 -8.52 22.56 7.60
CA ARG A 227 -7.54 23.43 8.24
C ARG A 227 -7.26 22.92 9.65
N VAL A 228 -5.97 22.86 10.01
CA VAL A 228 -5.54 22.37 11.33
C VAL A 228 -4.85 23.54 12.01
N GLU A 229 -5.50 24.13 13.00
CA GLU A 229 -5.00 25.32 13.67
C GLU A 229 -4.54 24.97 15.06
N PRO A 230 -3.66 25.80 15.65
CA PRO A 230 -3.26 25.56 17.02
C PRO A 230 -4.47 25.65 17.93
N LYS A 231 -4.35 24.96 19.06
CA LYS A 231 -5.42 24.98 20.06
C LYS A 231 -5.71 26.42 20.48
N SER A 232 -6.96 26.66 20.86
CA SER A 232 -7.37 27.98 21.32
C SER A 232 -6.61 28.39 22.57
N GLU B 5 3.01 -23.72 -13.29
CA GLU B 5 3.24 -22.75 -12.24
C GLU B 5 4.73 -22.60 -11.96
N LEU B 6 5.05 -21.46 -11.38
CA LEU B 6 6.41 -21.12 -10.98
C LEU B 6 6.48 -21.18 -9.46
N THR B 7 7.49 -21.85 -8.94
CA THR B 7 7.68 -22.05 -7.51
C THR B 7 8.93 -21.30 -7.04
N GLN B 8 8.79 -20.59 -5.93
CA GLN B 8 9.88 -19.91 -5.25
C GLN B 8 9.89 -20.31 -3.78
N PRO B 9 11.04 -20.27 -3.13
CA PRO B 9 11.08 -20.46 -1.67
C PRO B 9 10.28 -19.35 -1.00
N PRO B 10 9.49 -19.66 0.03
CA PRO B 10 8.75 -18.56 0.68
C PRO B 10 9.62 -17.50 1.31
N SER B 11 10.81 -17.87 1.81
CA SER B 11 11.60 -16.96 2.61
C SER B 11 13.08 -17.25 2.40
N VAL B 12 13.87 -16.17 2.34
CA VAL B 12 15.32 -16.24 2.33
C VAL B 12 15.83 -15.21 3.34
N SER B 13 16.75 -15.63 4.20
CA SER B 13 17.34 -14.74 5.20
C SER B 13 18.85 -14.68 5.00
N VAL B 14 19.40 -13.47 4.98
CA VAL B 14 20.84 -13.26 4.82
C VAL B 14 21.28 -12.11 5.73
N SER B 15 22.60 -12.08 6.03
CA SER B 15 23.14 -10.98 6.83
C SER B 15 23.70 -9.89 5.91
N PRO B 16 23.83 -8.66 6.42
CA PRO B 16 24.30 -7.57 5.56
C PRO B 16 25.67 -7.85 4.92
N GLY B 17 25.79 -7.43 3.67
CA GLY B 17 26.98 -7.64 2.89
C GLY B 17 27.05 -8.97 2.19
N GLN B 18 26.22 -9.91 2.61
CA GLN B 18 26.25 -11.23 2.01
C GLN B 18 25.47 -11.22 0.70
N THR B 19 25.71 -12.25 -0.10
CA THR B 19 24.99 -12.44 -1.34
C THR B 19 23.77 -13.31 -1.08
N ALA B 20 22.61 -12.87 -1.58
CA ALA B 20 21.39 -13.65 -1.50
C ALA B 20 21.12 -14.30 -2.84
N ARG B 21 20.64 -15.53 -2.81
CA ARG B 21 20.14 -16.21 -3.99
C ARG B 21 18.69 -16.61 -3.80
N ILE B 22 17.86 -16.28 -4.78
CA ILE B 22 16.44 -16.63 -4.78
C ILE B 22 16.16 -17.41 -6.06
N THR B 23 15.60 -18.61 -5.93
CA THR B 23 15.32 -19.42 -7.10
C THR B 23 13.86 -19.29 -7.55
N CYS B 24 13.66 -19.51 -8.85
CA CYS B 24 12.37 -19.65 -9.48
C CYS B 24 12.44 -20.93 -10.31
N SER B 25 11.46 -21.83 -10.14
CA SER B 25 11.46 -23.13 -10.78
C SER B 25 10.13 -23.39 -11.47
N GLY B 26 10.19 -23.95 -12.68
CA GLY B 26 8.97 -24.37 -13.35
C GLY B 26 9.22 -24.86 -14.76
N ALA B 27 8.27 -25.65 -15.27
CA ALA B 27 8.43 -26.20 -16.62
C ALA B 27 8.63 -25.12 -17.69
N PRO B 28 7.96 -23.97 -17.64
CA PRO B 28 8.17 -22.96 -18.69
C PRO B 28 9.58 -22.46 -18.78
N LEU B 29 10.37 -22.59 -17.70
CA LEU B 29 11.63 -21.87 -17.64
C LEU B 29 12.69 -22.48 -18.53
N THR B 30 12.48 -23.70 -19.02
CA THR B 30 13.45 -24.28 -19.95
C THR B 30 13.50 -23.49 -21.24
N SER B 31 12.38 -22.88 -21.65
CA SER B 31 12.32 -22.21 -22.94
C SER B 31 11.84 -20.77 -22.90
N ARG B 32 11.37 -20.27 -21.76
CA ARG B 32 10.79 -18.93 -21.68
C ARG B 32 11.57 -18.09 -20.67
N PHE B 33 11.83 -16.84 -21.01
CA PHE B 33 12.64 -15.96 -20.16
C PHE B 33 11.93 -15.71 -18.83
N THR B 34 12.73 -15.54 -17.78
CA THR B 34 12.24 -15.26 -16.44
C THR B 34 12.60 -13.83 -16.04
N TYR B 35 11.58 -13.02 -15.83
CA TYR B 35 11.70 -11.65 -15.36
C TYR B 35 11.61 -11.64 -13.85
N TRP B 36 12.18 -10.60 -13.25
CA TRP B 36 12.12 -10.48 -11.79
C TRP B 36 11.68 -9.09 -11.37
N TYR B 37 10.89 -9.06 -10.27
CA TYR B 37 10.35 -7.84 -9.68
C TYR B 37 10.59 -7.85 -8.17
N ARG B 38 10.73 -6.66 -7.61
CA ARG B 38 10.78 -6.46 -6.16
C ARG B 38 9.58 -5.62 -5.76
N GLN B 39 8.93 -5.95 -4.64
CA GLN B 39 7.81 -5.18 -4.13
C GLN B 39 8.00 -5.00 -2.64
N LYS B 40 8.04 -3.75 -2.22
CA LYS B 40 8.09 -3.44 -0.80
C LYS B 40 6.68 -3.22 -0.27
N PRO B 41 6.44 -3.48 1.01
CA PRO B 41 5.09 -3.29 1.55
C PRO B 41 4.55 -1.90 1.24
N GLY B 42 3.30 -1.86 0.78
CA GLY B 42 2.64 -0.61 0.49
C GLY B 42 3.04 0.03 -0.81
N GLN B 43 3.76 -0.69 -1.68
CA GLN B 43 4.28 -0.14 -2.92
C GLN B 43 3.93 -1.04 -4.10
N ALA B 44 3.97 -0.47 -5.30
CA ALA B 44 3.85 -1.24 -6.50
C ALA B 44 5.15 -1.97 -6.80
N PRO B 45 5.10 -3.04 -7.59
CA PRO B 45 6.33 -3.75 -7.97
C PRO B 45 7.23 -2.90 -8.83
N VAL B 46 8.52 -3.28 -8.79
CA VAL B 46 9.58 -2.66 -9.58
C VAL B 46 10.31 -3.76 -10.33
N LEU B 47 10.51 -3.56 -11.62
CA LEU B 47 11.27 -4.50 -12.44
C LEU B 47 12.74 -4.42 -12.06
N ILE B 48 13.34 -5.57 -11.76
CA ILE B 48 14.76 -5.60 -11.43
C ILE B 48 15.58 -6.48 -12.37
N ILE B 49 14.98 -7.42 -13.07
CA ILE B 49 15.66 -8.17 -14.13
C ILE B 49 14.80 -8.12 -15.34
N SER B 50 15.29 -7.44 -16.37
CA SER B 50 14.68 -7.29 -17.69
C SER B 50 15.39 -8.21 -18.68
N ARG B 51 14.78 -8.32 -19.86
CA ARG B 51 15.44 -8.94 -21.00
C ARG B 51 15.88 -7.79 -21.91
N SER B 52 17.17 -7.55 -21.98
CA SER B 52 17.67 -6.35 -22.65
C SER B 52 17.94 -6.57 -24.13
N SER B 53 18.16 -7.81 -24.56
CA SER B 53 18.48 -8.12 -25.94
C SER B 53 18.04 -9.55 -26.24
N GLN B 54 18.04 -9.89 -27.52
CA GLN B 54 17.67 -11.25 -27.94
C GLN B 54 18.57 -12.25 -27.24
N GLY B 61 23.24 -2.55 -10.42
CA GLY B 61 24.29 -3.44 -10.82
C GLY B 61 24.45 -4.61 -9.87
N ARG B 62 23.76 -4.57 -8.73
CA ARG B 62 23.87 -5.63 -7.74
C ARG B 62 22.98 -6.82 -8.03
N PHE B 63 22.13 -6.75 -9.04
CA PHE B 63 21.15 -7.80 -9.33
C PHE B 63 21.52 -8.48 -10.63
N SER B 64 21.50 -9.81 -10.62
CA SER B 64 21.73 -10.53 -11.85
C SER B 64 20.94 -11.82 -11.76
N ALA B 65 20.74 -12.48 -12.91
CA ALA B 65 20.05 -13.75 -12.91
C ALA B 65 20.73 -14.70 -13.86
N SER B 66 20.66 -15.98 -13.53
CA SER B 66 21.35 -17.05 -14.22
C SER B 66 20.37 -18.19 -14.48
N TRP B 67 20.41 -18.73 -15.69
CA TRP B 67 19.51 -19.79 -16.12
C TRP B 67 20.18 -21.16 -16.02
N SER B 68 19.43 -22.14 -15.50
CA SER B 68 19.86 -23.54 -15.53
C SER B 68 18.62 -24.44 -15.60
N GLY B 69 18.30 -24.88 -16.80
CA GLY B 69 17.20 -25.83 -16.97
C GLY B 69 15.86 -25.25 -16.58
N THR B 70 15.22 -25.86 -15.59
CA THR B 70 13.93 -25.42 -15.12
C THR B 70 14.04 -24.41 -13.99
N THR B 71 15.26 -23.98 -13.63
CA THR B 71 15.44 -22.98 -12.58
C THR B 71 16.18 -21.74 -13.09
N VAL B 72 15.74 -20.56 -12.67
CA VAL B 72 16.51 -19.34 -12.78
C VAL B 72 16.79 -18.83 -11.38
N THR B 73 18.04 -18.44 -11.14
CA THR B 73 18.49 -17.93 -9.84
C THR B 73 18.72 -16.43 -9.95
N LEU B 74 18.05 -15.67 -9.09
CA LEU B 74 18.36 -14.26 -8.88
C LEU B 74 19.43 -14.15 -7.82
N THR B 75 20.49 -13.44 -8.14
CA THR B 75 21.56 -13.14 -7.21
C THR B 75 21.52 -11.66 -6.87
N ILE B 76 21.53 -11.35 -5.58
CA ILE B 76 21.64 -9.99 -5.06
C ILE B 76 22.96 -9.90 -4.31
N ARG B 77 23.90 -9.11 -4.83
CA ARG B 77 25.20 -8.92 -4.20
C ARG B 77 25.14 -7.76 -3.22
N GLY B 78 25.94 -7.85 -2.17
CA GLY B 78 26.05 -6.75 -1.23
C GLY B 78 24.73 -6.39 -0.58
N VAL B 79 23.99 -7.40 -0.09
CA VAL B 79 22.67 -7.15 0.46
C VAL B 79 22.74 -6.18 1.62
N GLN B 80 21.77 -5.26 1.66
CA GLN B 80 21.66 -4.33 2.78
C GLN B 80 20.20 -4.27 3.19
N ALA B 81 19.95 -3.60 4.32
CA ALA B 81 18.61 -3.62 4.90
C ALA B 81 17.55 -3.13 3.91
N ASP B 82 17.90 -2.14 3.08
CA ASP B 82 16.98 -1.57 2.11
C ASP B 82 16.55 -2.58 1.04
N ASP B 83 17.20 -3.75 0.99
CA ASP B 83 16.79 -4.79 0.05
C ASP B 83 15.66 -5.68 0.60
N GLU B 84 15.28 -5.52 1.85
CA GLU B 84 14.14 -6.28 2.35
C GLU B 84 12.91 -5.93 1.52
N ALA B 85 12.25 -6.97 1.01
CA ALA B 85 11.16 -6.83 0.07
C ALA B 85 10.68 -8.23 -0.28
N ASP B 86 9.57 -8.29 -0.99
CA ASP B 86 9.14 -9.53 -1.63
C ASP B 86 9.60 -9.53 -3.08
N TYR B 87 10.17 -10.64 -3.51
CA TYR B 87 10.74 -10.79 -4.84
C TYR B 87 9.93 -11.80 -5.61
N TYR B 88 9.52 -11.44 -6.83
CA TYR B 88 8.68 -12.30 -7.67
C TYR B 88 9.36 -12.56 -8.98
N CYS B 89 9.33 -13.82 -9.40
CA CYS B 89 9.67 -14.17 -10.77
C CYS B 89 8.41 -14.20 -11.62
N GLN B 90 8.62 -14.15 -12.94
CA GLN B 90 7.51 -14.05 -13.88
C GLN B 90 7.95 -14.62 -15.22
N SER B 91 7.07 -15.36 -15.88
CA SER B 91 7.40 -15.91 -17.19
C SER B 91 6.15 -16.03 -18.02
N SER B 92 6.23 -16.81 -19.08
CA SER B 92 5.08 -17.18 -19.90
C SER B 92 5.10 -18.69 -20.03
N ASP B 93 3.96 -19.29 -20.35
CA ASP B 93 3.95 -20.74 -20.47
C ASP B 93 4.63 -21.20 -21.77
N THR B 94 4.92 -22.50 -21.82
CA THR B 94 5.68 -23.04 -22.96
C THR B 94 4.95 -22.83 -24.27
N SER B 95 3.62 -22.84 -24.25
CA SER B 95 2.81 -22.79 -25.45
C SER B 95 2.52 -21.37 -25.91
N ASP B 96 3.02 -20.36 -25.20
CA ASP B 96 2.79 -18.96 -25.57
C ASP B 96 1.32 -18.55 -25.47
N SER B 97 0.64 -19.04 -24.44
CA SER B 97 -0.78 -18.75 -24.22
C SER B 97 -1.05 -17.73 -23.12
N TYR B 98 -0.23 -17.67 -22.08
CA TYR B 98 -0.46 -16.78 -20.96
C TYR B 98 0.86 -16.51 -20.25
N LYS B 99 0.82 -15.58 -19.30
CA LYS B 99 1.95 -15.22 -18.46
C LYS B 99 1.58 -15.48 -17.00
N MET B 100 2.60 -15.61 -16.15
CA MET B 100 2.34 -15.95 -14.75
C MET B 100 3.48 -15.48 -13.85
N PHE B 101 3.13 -15.24 -12.60
CA PHE B 101 4.10 -14.91 -11.56
C PHE B 101 4.32 -16.11 -10.65
N GLY B 102 5.52 -16.19 -10.06
CA GLY B 102 5.74 -17.11 -8.97
C GLY B 102 5.08 -16.61 -7.70
N GLY B 103 5.17 -17.42 -6.65
CA GLY B 103 4.49 -17.11 -5.40
C GLY B 103 5.16 -16.08 -4.52
N GLY B 104 6.36 -15.67 -4.87
CA GLY B 104 7.07 -14.64 -4.13
C GLY B 104 7.98 -15.20 -3.06
N THR B 105 9.09 -14.49 -2.80
CA THR B 105 10.04 -14.82 -1.75
C THR B 105 10.23 -13.58 -0.90
N LYS B 106 10.00 -13.69 0.40
CA LYS B 106 10.26 -12.60 1.31
C LYS B 106 11.75 -12.67 1.70
N LEU B 107 12.49 -11.59 1.42
CA LEU B 107 13.89 -11.49 1.81
C LEU B 107 14.00 -10.73 3.13
N THR B 108 14.56 -11.40 4.13
CA THR B 108 14.82 -10.81 5.43
C THR B 108 16.32 -10.58 5.58
N VAL B 109 16.69 -9.40 6.05
CA VAL B 109 18.08 -9.08 6.36
C VAL B 109 18.24 -9.16 7.87
N LEU B 110 19.09 -10.08 8.30
CA LEU B 110 19.34 -10.34 9.71
C LEU B 110 20.22 -9.24 10.31
N GLY B 111 20.17 -9.16 11.63
CA GLY B 111 21.06 -8.28 12.38
C GLY B 111 20.64 -6.83 12.45
N GLN B 112 19.41 -6.49 12.07
CA GLN B 112 18.99 -5.11 12.18
C GLN B 112 18.83 -4.79 13.66
N PRO B 113 19.27 -3.61 14.08
CA PRO B 113 19.23 -3.28 15.51
C PRO B 113 17.81 -3.02 15.98
N ALA B 114 17.58 -3.32 17.26
CA ALA B 114 16.29 -3.01 17.87
C ALA B 114 16.09 -1.52 17.90
N ALA B 115 14.83 -1.11 17.82
CA ALA B 115 14.48 0.30 17.87
C ALA B 115 13.22 0.48 18.71
N ALA B 116 13.28 1.41 19.65
CA ALA B 116 12.17 1.64 20.55
C ALA B 116 11.13 2.52 19.88
N PRO B 117 9.85 2.34 20.23
CA PRO B 117 8.79 3.12 19.57
C PRO B 117 8.78 4.58 20.00
N SER B 118 8.41 5.43 19.06
CA SER B 118 8.01 6.80 19.34
C SER B 118 6.49 6.81 19.41
N VAL B 119 5.95 7.50 20.39
CA VAL B 119 4.52 7.47 20.66
C VAL B 119 4.02 8.91 20.73
N THR B 120 2.97 9.21 19.97
CA THR B 120 2.29 10.48 20.04
C THR B 120 0.83 10.23 20.33
N LEU B 121 0.29 10.88 21.35
CA LEU B 121 -1.09 10.67 21.78
C LEU B 121 -1.86 11.97 21.66
N PHE B 122 -2.95 11.95 20.89
CA PHE B 122 -3.77 13.12 20.73
C PHE B 122 -5.10 12.92 21.48
N PRO B 123 -5.56 13.95 22.15
CA PRO B 123 -6.89 13.92 22.78
C PRO B 123 -7.98 14.16 21.74
N PRO B 124 -9.23 13.99 22.11
CA PRO B 124 -10.31 14.34 21.18
C PRO B 124 -10.28 15.82 20.82
N SER B 125 -10.57 16.11 19.55
CA SER B 125 -10.72 17.49 19.13
C SER B 125 -12.02 18.08 19.65
N SER B 126 -12.02 19.41 19.82
CA SER B 126 -13.24 20.12 20.19
C SER B 126 -14.35 19.85 19.18
N GLU B 127 -13.99 19.77 17.90
CA GLU B 127 -14.96 19.52 16.85
C GLU B 127 -15.62 18.15 17.02
N GLU B 128 -14.82 17.12 17.28
CA GLU B 128 -15.40 15.79 17.48
C GLU B 128 -16.31 15.76 18.70
N LEU B 129 -15.87 16.37 19.81
CA LEU B 129 -16.70 16.40 21.01
C LEU B 129 -18.04 17.05 20.74
N GLN B 130 -18.05 18.13 19.95
CA GLN B 130 -19.31 18.78 19.61
C GLN B 130 -20.20 17.90 18.73
N ALA B 131 -19.61 16.93 18.03
CA ALA B 131 -20.35 15.92 17.30
C ALA B 131 -20.71 14.72 18.17
N ASN B 132 -20.55 14.84 19.48
CA ASN B 132 -20.98 13.83 20.45
C ASN B 132 -20.17 12.54 20.36
N LYS B 133 -18.89 12.65 20.01
CA LYS B 133 -18.01 11.50 19.93
C LYS B 133 -16.67 11.92 20.52
N ALA B 134 -15.87 10.93 20.90
CA ALA B 134 -14.54 11.25 21.42
C ALA B 134 -13.59 10.12 21.07
N THR B 135 -12.49 10.45 20.41
CA THR B 135 -11.49 9.45 20.04
C THR B 135 -10.13 9.92 20.55
N LEU B 136 -9.45 9.04 21.27
CA LEU B 136 -8.04 9.24 21.60
C LEU B 136 -7.21 8.48 20.58
N VAL B 137 -6.17 9.13 20.06
CA VAL B 137 -5.40 8.63 18.93
C VAL B 137 -3.97 8.42 19.40
N CYS B 138 -3.52 7.18 19.44
CA CYS B 138 -2.17 6.83 19.88
C CYS B 138 -1.41 6.32 18.66
N LEU B 139 -0.43 7.09 18.21
CA LEU B 139 0.31 6.80 16.99
C LEU B 139 1.70 6.32 17.39
N ILE B 140 2.11 5.18 16.84
CA ILE B 140 3.29 4.46 17.30
C ILE B 140 4.19 4.21 16.09
N SER B 141 5.43 4.68 16.14
CA SER B 141 6.27 4.60 14.94
C SER B 141 7.70 4.24 15.29
N ASP B 142 8.45 3.86 14.25
CA ASP B 142 9.91 3.72 14.32
C ASP B 142 10.36 2.62 15.28
N PHE B 143 9.61 1.53 15.38
CA PHE B 143 10.02 0.43 16.24
C PHE B 143 10.46 -0.79 15.44
N TYR B 144 11.38 -1.56 16.01
CA TYR B 144 11.89 -2.78 15.40
C TYR B 144 12.33 -3.71 16.51
N PRO B 145 12.00 -5.00 16.41
CA PRO B 145 11.20 -5.70 15.40
C PRO B 145 9.75 -5.28 15.46
N GLY B 146 8.96 -5.78 14.53
CA GLY B 146 7.61 -5.30 14.32
C GLY B 146 6.56 -5.96 15.17
N ALA B 147 6.66 -5.77 16.49
CA ALA B 147 5.71 -6.32 17.44
C ALA B 147 5.64 -5.33 18.60
N VAL B 148 4.42 -4.90 18.94
CA VAL B 148 4.18 -4.10 20.14
C VAL B 148 2.89 -4.59 20.77
N THR B 149 2.73 -4.30 22.05
CA THR B 149 1.44 -4.46 22.71
C THR B 149 1.02 -3.12 23.30
N VAL B 150 -0.27 -2.84 23.25
CA VAL B 150 -0.82 -1.54 23.62
C VAL B 150 -1.88 -1.76 24.68
N ALA B 151 -1.77 -1.02 25.77
CA ALA B 151 -2.76 -1.03 26.84
C ALA B 151 -3.19 0.40 27.10
N TRP B 152 -4.44 0.59 27.45
CA TRP B 152 -4.96 1.90 27.77
C TRP B 152 -5.39 1.90 29.22
N LYS B 153 -5.27 3.06 29.84
CA LYS B 153 -5.71 3.27 31.21
C LYS B 153 -6.60 4.50 31.25
N ALA B 154 -7.68 4.41 32.03
CA ALA B 154 -8.50 5.56 32.40
C ALA B 154 -8.17 5.84 33.86
N ASP B 155 -7.58 7.00 34.12
CA ASP B 155 -6.91 7.26 35.40
C ASP B 155 -5.84 6.19 35.53
N SER B 156 -5.92 5.28 36.51
CA SER B 156 -4.95 4.21 36.67
C SER B 156 -5.55 2.85 36.39
N SER B 157 -6.80 2.79 35.89
CA SER B 157 -7.48 1.51 35.73
C SER B 157 -7.50 1.09 34.27
N PRO B 158 -7.32 -0.19 33.98
CA PRO B 158 -7.33 -0.63 32.59
C PRO B 158 -8.67 -0.37 31.92
N VAL B 159 -8.61 -0.03 30.64
CA VAL B 159 -9.80 0.17 29.82
C VAL B 159 -10.16 -1.15 29.17
N LYS B 160 -11.40 -1.59 29.39
CA LYS B 160 -11.83 -2.91 28.94
C LYS B 160 -12.65 -2.86 27.65
N ALA B 161 -12.96 -1.67 27.14
CA ALA B 161 -13.78 -1.56 25.94
C ALA B 161 -13.37 -0.34 25.14
N GLY B 162 -13.68 -0.39 23.85
CA GLY B 162 -13.52 0.76 22.99
C GLY B 162 -12.17 0.89 22.31
N VAL B 163 -11.30 -0.12 22.42
CA VAL B 163 -9.93 -0.06 21.88
C VAL B 163 -9.87 -0.79 20.54
N GLU B 164 -9.29 -0.14 19.54
CA GLU B 164 -9.03 -0.73 18.23
C GLU B 164 -7.57 -0.47 17.90
N THR B 165 -6.78 -1.53 17.70
CA THR B 165 -5.36 -1.38 17.41
C THR B 165 -5.02 -2.07 16.10
N THR B 166 -4.19 -1.41 15.28
CA THR B 166 -3.82 -2.00 14.00
C THR B 166 -2.71 -3.04 14.19
N THR B 167 -2.56 -3.89 13.17
CA THR B 167 -1.35 -4.69 13.07
C THR B 167 -0.19 -3.75 12.73
N PRO B 168 1.03 -4.12 13.09
CA PRO B 168 2.19 -3.29 12.69
C PRO B 168 2.43 -3.38 11.20
N SER B 169 2.83 -2.25 10.61
CA SER B 169 3.11 -2.20 9.19
C SER B 169 4.52 -1.66 8.96
N LYS B 170 5.20 -2.20 7.96
CA LYS B 170 6.58 -1.85 7.69
C LYS B 170 6.70 -0.47 7.07
N GLN B 171 7.51 0.39 7.67
CA GLN B 171 7.81 1.73 7.18
C GLN B 171 8.88 1.67 6.10
N SER B 172 9.08 2.82 5.45
CA SER B 172 10.08 2.91 4.38
C SER B 172 11.50 2.73 4.91
N ASN B 173 11.74 3.12 6.17
CA ASN B 173 13.04 2.96 6.80
C ASN B 173 13.23 1.59 7.43
N ASN B 174 12.35 0.64 7.11
CA ASN B 174 12.38 -0.74 7.60
C ASN B 174 11.98 -0.88 9.05
N LYS B 175 11.66 0.20 9.74
CA LYS B 175 11.02 0.11 11.04
C LYS B 175 9.52 0.00 10.82
N TYR B 176 8.77 -0.15 11.92
CA TYR B 176 7.34 -0.45 11.87
C TYR B 176 6.54 0.65 12.55
N ALA B 177 5.26 0.67 12.18
CA ALA B 177 4.28 1.63 12.71
C ALA B 177 2.97 0.91 13.03
N ALA B 178 2.23 1.46 13.99
CA ALA B 178 0.92 0.97 14.36
C ALA B 178 0.13 2.13 14.95
N SER B 179 -1.18 1.94 15.03
CA SER B 179 -2.08 2.94 15.58
C SER B 179 -2.99 2.24 16.56
N SER B 180 -3.34 2.93 17.65
CA SER B 180 -4.38 2.46 18.56
C SER B 180 -5.33 3.60 18.83
N TYR B 181 -6.61 3.30 18.78
CA TYR B 181 -7.67 4.27 19.00
C TYR B 181 -8.51 3.84 20.18
N LEU B 182 -8.84 4.79 21.05
CA LEU B 182 -9.80 4.55 22.13
C LEU B 182 -11.03 5.41 21.91
N SER B 183 -12.19 4.76 21.79
CA SER B 183 -13.46 5.45 21.61
C SER B 183 -14.13 5.63 22.96
N LEU B 184 -14.55 6.86 23.23
CA LEU B 184 -15.23 7.23 24.46
C LEU B 184 -16.41 8.13 24.12
N THR B 185 -17.35 8.19 25.04
CA THR B 185 -18.32 9.25 24.96
C THR B 185 -17.68 10.52 25.49
N PRO B 186 -18.16 11.69 25.05
CA PRO B 186 -17.67 12.94 25.65
C PRO B 186 -17.79 12.96 27.16
N GLU B 187 -18.88 12.42 27.72
CA GLU B 187 -19.01 12.38 29.17
C GLU B 187 -17.90 11.55 29.80
N GLN B 188 -17.56 10.40 29.20
CA GLN B 188 -16.49 9.57 29.72
C GLN B 188 -15.16 10.32 29.67
N TRP B 189 -14.89 10.99 28.56
CA TRP B 189 -13.66 11.75 28.43
C TRP B 189 -13.54 12.81 29.52
N LYS B 190 -14.63 13.53 29.78
CA LYS B 190 -14.61 14.55 30.82
C LYS B 190 -14.66 14.00 32.24
N SER B 191 -15.05 12.73 32.41
CA SER B 191 -15.26 12.14 33.73
C SER B 191 -13.98 11.71 34.43
N HIS B 192 -12.88 11.53 33.71
CA HIS B 192 -11.67 11.02 34.31
C HIS B 192 -10.60 12.10 34.37
N LYS B 193 -9.64 11.92 35.26
CA LYS B 193 -8.55 12.88 35.38
C LYS B 193 -7.61 12.80 34.19
N SER B 194 -7.40 11.60 33.66
CA SER B 194 -6.48 11.44 32.54
C SER B 194 -6.74 10.09 31.89
N TYR B 195 -6.23 9.96 30.66
CA TYR B 195 -6.13 8.68 29.97
C TYR B 195 -4.70 8.48 29.49
N SER B 196 -4.27 7.22 29.44
CA SER B 196 -2.91 6.90 29.02
C SER B 196 -2.91 5.79 27.97
N CYS B 197 -2.01 5.92 27.00
CA CYS B 197 -1.69 4.87 26.04
C CYS B 197 -0.30 4.36 26.41
N GLN B 198 -0.19 3.06 26.65
CA GLN B 198 1.02 2.40 27.13
C GLN B 198 1.46 1.39 26.09
N VAL B 199 2.64 1.59 25.54
CA VAL B 199 3.15 0.80 24.43
C VAL B 199 4.36 0.02 24.93
N THR B 200 4.25 -1.29 24.90
CA THR B 200 5.31 -2.19 25.34
C THR B 200 5.96 -2.82 24.12
N HIS B 201 7.29 -2.83 24.14
CA HIS B 201 8.11 -3.34 23.06
C HIS B 201 9.39 -3.86 23.69
N GLU B 202 9.72 -5.12 23.39
CA GLU B 202 10.95 -5.75 23.88
C GLU B 202 11.11 -5.58 25.39
N GLY B 203 10.00 -5.70 26.13
CA GLY B 203 10.05 -5.71 27.58
C GLY B 203 10.09 -4.35 28.24
N SER B 204 10.14 -3.26 27.46
CA SER B 204 10.11 -1.91 28.02
C SER B 204 8.89 -1.18 27.50
N THR B 205 8.48 -0.14 28.22
CA THR B 205 7.19 0.49 27.94
C THR B 205 7.36 2.00 27.85
N VAL B 206 6.70 2.61 26.87
CA VAL B 206 6.53 4.06 26.78
C VAL B 206 5.07 4.39 27.06
N GLU B 207 4.80 5.29 27.98
CA GLU B 207 3.44 5.67 28.33
C GLU B 207 3.25 7.16 28.05
N LYS B 208 2.17 7.50 27.37
CA LYS B 208 1.80 8.89 27.11
C LYS B 208 0.44 9.14 27.72
N THR B 209 0.25 10.33 28.28
CA THR B 209 -1.00 10.66 28.95
C THR B 209 -1.58 11.97 28.41
N VAL B 210 -2.91 12.05 28.41
CA VAL B 210 -3.63 13.27 28.06
C VAL B 210 -4.72 13.46 29.10
N ALA B 211 -5.14 14.71 29.28
CA ALA B 211 -6.09 15.05 30.32
C ALA B 211 -7.08 16.08 29.80
N PRO B 212 -8.36 15.94 30.14
CA PRO B 212 -9.37 16.86 29.59
C PRO B 212 -9.16 18.30 30.01
N THR B 213 -8.66 18.54 31.22
CA THR B 213 -8.51 19.89 31.75
C THR B 213 -7.18 20.51 31.37
N GLU B 214 -6.35 19.82 30.59
CA GLU B 214 -5.01 20.27 30.28
C GLU B 214 -4.94 20.71 28.82
N CYS B 215 -4.14 21.75 28.57
CA CYS B 215 -3.89 22.20 27.21
C CYS B 215 -2.58 21.59 26.70
#